data_9GBZ
#
_entry.id   9GBZ
#
_cell.length_a   1.00
_cell.length_b   1.00
_cell.length_c   1.00
_cell.angle_alpha   90.00
_cell.angle_beta   90.00
_cell.angle_gamma   90.00
#
_symmetry.space_group_name_H-M   'P 1'
#
loop_
_entity.id
_entity.type
_entity.pdbx_description
1 polymer 'U11/U12 small nuclear ribonucleoprotein 25 kDa protein'
2 polymer 'U11/U12 small nuclear ribonucleoprotein 35 kDa protein'
3 polymer "P120-5'SS"
4 polymer 'U11 snRNA'
#
loop_
_entity_poly.entity_id
_entity_poly.type
_entity_poly.pdbx_seq_one_letter_code
_entity_poly.pdbx_strand_id
1 'polypeptide(L)'
;MDVFQEGLAMVVQDPLLCDLPIQVTLEEVNSQIALEYGQAMTVRVCKMDGEVMPVVVVQSATVLDLKKAIQRYVQLKQER
EGGIQHISWSYVWRTYHLTSAGEKLTEDRKKLRDYGIRNRDEVSFIKKLRQK
;
B
2 'polypeptide(L)'
;MNDWMPIAKEYDPLKAGSIDGTDEDPHDRAVWRAMLARYVPNKGVIGDPLLTLFVARLNLQTKEDKLKEVFSRYGDIRRL
RLVRDLVTGFSKGYAFIEYKEERAVIKAYRDADGLVIDQHEIFVDYELERTLKGWIPRRLGGGLGGKKESGQLRFGGRDR
PFRKPINLPVVKNDLYREGKRERRERSRSRERHWDSRTRDRDHDRGREKRWQEREPTRVWPDNDWERERDFRDDRIKGRE
KKERGK
;
C
3 'polyribonucleotide' AUAUCCUUUUU G
4 'polyribonucleotide'
;AAAAAGGGCUUCUGUCGUGAGUGGCACACGUAGGGCAACUCGAUUGCUCUGCGUGCGGAAUCGACAUCAAGAGAUUUCGG
AAGCAUAAUUUUUUGGUAUUUGGGCAGCUGGUGAUCGUUGGUCCCGGCGCCCUUU
;
R
#
loop_
_chem_comp.id
_chem_comp.type
_chem_comp.name
_chem_comp.formula
A RNA linking ADENOSINE-5'-MONOPHOSPHATE 'C10 H14 N5 O7 P'
C RNA linking CYTIDINE-5'-MONOPHOSPHATE 'C9 H14 N3 O8 P'
G RNA linking GUANOSINE-5'-MONOPHOSPHATE 'C10 H14 N5 O8 P'
U RNA linking URIDINE-5'-MONOPHOSPHATE 'C9 H13 N2 O9 P'
#
# COMPACT_ATOMS: atom_id res chain seq x y z
N MET A 1 8.46 -24.01 28.75
CA MET A 1 7.37 -24.99 28.84
C MET A 1 6.33 -24.76 27.74
N ASP A 2 5.80 -25.86 27.21
CA ASP A 2 4.81 -25.81 26.14
C ASP A 2 3.77 -26.92 26.27
N VAL A 3 3.45 -27.33 27.50
CA VAL A 3 2.53 -28.45 27.69
C VAL A 3 1.12 -28.13 27.23
N PHE A 4 0.77 -26.84 27.10
CA PHE A 4 -0.58 -26.48 26.70
C PHE A 4 -0.84 -26.75 25.23
N GLN A 5 0.21 -26.76 24.39
CA GLN A 5 0.02 -26.91 22.95
C GLN A 5 -0.47 -28.30 22.59
N GLU A 6 -0.06 -29.34 23.34
CA GLU A 6 -0.54 -30.69 23.06
C GLU A 6 -2.05 -30.78 23.31
N GLY A 7 -2.50 -30.28 24.45
CA GLY A 7 -3.93 -30.26 24.71
C GLY A 7 -4.69 -29.41 23.72
N LEU A 8 -4.12 -28.26 23.33
CA LEU A 8 -4.74 -27.43 22.31
C LEU A 8 -4.93 -28.20 21.01
N ALA A 9 -3.86 -28.83 20.51
CA ALA A 9 -3.94 -29.58 19.26
C ALA A 9 -4.92 -30.73 19.36
N MET A 10 -5.00 -31.38 20.53
CA MET A 10 -5.99 -32.42 20.72
C MET A 10 -7.41 -31.85 20.67
N VAL A 11 -7.60 -30.64 21.18
CA VAL A 11 -8.93 -30.03 21.20
C VAL A 11 -9.37 -29.57 19.81
N VAL A 12 -8.44 -29.05 19.00
CA VAL A 12 -8.84 -28.52 17.68
C VAL A 12 -9.42 -29.62 16.81
N GLN A 13 -9.08 -30.88 17.08
CA GLN A 13 -9.62 -31.98 16.29
C GLN A 13 -11.10 -32.22 16.55
N ASP A 14 -11.68 -31.58 17.57
CA ASP A 14 -13.11 -31.68 17.80
C ASP A 14 -13.86 -31.08 16.61
N PRO A 15 -14.82 -31.82 16.02
CA PRO A 15 -15.55 -31.27 14.86
C PRO A 15 -16.23 -29.95 15.14
N LEU A 16 -16.68 -29.71 16.37
CA LEU A 16 -17.26 -28.40 16.70
C LEU A 16 -16.22 -27.29 16.74
N LEU A 17 -14.93 -27.62 16.71
CA LEU A 17 -13.87 -26.63 16.79
C LEU A 17 -12.90 -26.71 15.62
N CYS A 18 -13.26 -27.39 14.53
CA CYS A 18 -12.38 -27.51 13.37
C CYS A 18 -12.29 -26.21 12.57
N ASP A 19 -13.16 -25.24 12.84
CA ASP A 19 -13.10 -23.97 12.12
C ASP A 19 -11.81 -23.22 12.41
N LEU A 20 -11.35 -23.27 13.66
CA LEU A 20 -10.21 -22.48 14.08
C LEU A 20 -8.92 -23.01 13.43
N PRO A 21 -7.98 -22.13 13.06
CA PRO A 21 -6.74 -22.55 12.42
C PRO A 21 -5.63 -22.88 13.42
N ILE A 22 -5.86 -23.92 14.22
CA ILE A 22 -4.87 -24.48 15.14
C ILE A 22 -4.43 -23.43 16.16
N GLN A 23 -3.73 -22.39 15.71
CA GLN A 23 -3.27 -21.33 16.59
C GLN A 23 -4.47 -20.44 16.93
N VAL A 24 -5.13 -20.77 18.02
CA VAL A 24 -6.42 -20.17 18.33
C VAL A 24 -6.25 -18.92 19.19
N THR A 25 -5.54 -19.06 20.31
CA THR A 25 -5.43 -18.03 21.35
C THR A 25 -6.77 -17.88 22.08
N LEU A 26 -6.71 -17.60 23.38
CA LEU A 26 -7.93 -17.60 24.19
C LEU A 26 -8.93 -16.53 23.74
N GLU A 27 -8.46 -15.41 23.23
CA GLU A 27 -9.37 -14.35 22.83
C GLU A 27 -10.26 -14.77 21.67
N GLU A 28 -9.69 -15.46 20.68
CA GLU A 28 -10.48 -15.84 19.51
C GLU A 28 -11.48 -16.94 19.85
N VAL A 29 -11.09 -17.91 20.67
CA VAL A 29 -12.03 -18.95 21.09
C VAL A 29 -13.12 -18.34 21.98
N ASN A 30 -12.77 -17.31 22.77
CA ASN A 30 -13.79 -16.60 23.52
C ASN A 30 -14.76 -15.89 22.59
N SER A 31 -14.25 -15.33 21.50
CA SER A 31 -15.11 -14.70 20.51
C SER A 31 -16.06 -15.71 19.87
N GLN A 32 -15.55 -16.90 19.55
CA GLN A 32 -16.42 -17.94 18.99
C GLN A 32 -17.47 -18.40 19.99
N ILE A 33 -17.08 -18.56 21.26
CA ILE A 33 -18.06 -18.92 22.28
C ILE A 33 -19.12 -17.83 22.42
N ALA A 34 -18.70 -16.57 22.34
CA ALA A 34 -19.66 -15.47 22.43
C ALA A 34 -20.62 -15.45 21.25
N LEU A 35 -20.11 -15.67 20.02
CA LEU A 35 -21.00 -15.68 18.88
C LEU A 35 -21.93 -16.89 18.94
N GLU A 36 -21.49 -17.97 19.59
CA GLU A 36 -22.40 -19.05 19.93
C GLU A 36 -23.50 -18.57 20.88
N TYR A 37 -23.12 -17.76 21.88
CA TYR A 37 -24.08 -17.24 22.83
C TYR A 37 -24.76 -15.96 22.36
N GLY A 38 -24.31 -15.35 21.27
CA GLY A 38 -25.05 -14.30 20.62
C GLY A 38 -24.60 -12.87 20.90
N GLN A 39 -23.58 -12.67 21.73
CA GLN A 39 -23.09 -11.33 21.99
C GLN A 39 -21.85 -10.96 21.18
N ALA A 40 -21.45 -11.80 20.23
CA ALA A 40 -20.36 -11.46 19.33
C ALA A 40 -20.87 -11.50 17.89
N MET A 41 -20.29 -10.67 17.03
CA MET A 41 -20.63 -10.66 15.61
C MET A 41 -19.38 -10.33 14.81
N THR A 42 -19.35 -10.84 13.59
CA THR A 42 -18.27 -10.57 12.66
C THR A 42 -18.58 -9.30 11.88
N VAL A 43 -17.56 -8.75 11.23
CA VAL A 43 -17.72 -7.58 10.38
C VAL A 43 -16.65 -7.63 9.30
N ARG A 44 -16.97 -7.11 8.12
CA ARG A 44 -16.05 -7.14 6.99
C ARG A 44 -15.45 -5.76 6.78
N VAL A 45 -14.13 -5.68 6.89
CA VAL A 45 -13.39 -4.52 6.42
C VAL A 45 -12.96 -4.84 4.99
N CYS A 46 -13.39 -4.02 4.05
CA CYS A 46 -13.26 -4.37 2.64
C CYS A 46 -12.13 -3.56 2.01
N LYS A 47 -11.18 -4.27 1.41
CA LYS A 47 -10.22 -3.62 0.55
C LYS A 47 -10.96 -3.12 -0.67
N MET A 48 -10.74 -1.86 -1.06
CA MET A 48 -11.49 -1.25 -2.15
C MET A 48 -11.39 -2.05 -3.44
N ASP A 49 -10.25 -2.70 -3.64
CA ASP A 49 -10.04 -3.52 -4.82
C ASP A 49 -9.24 -4.76 -4.42
N GLY A 50 -9.58 -5.88 -5.04
CA GLY A 50 -8.98 -7.15 -4.66
C GLY A 50 -9.90 -8.01 -3.83
N GLU A 51 -9.68 -8.03 -2.51
CA GLU A 51 -10.37 -8.97 -1.63
C GLU A 51 -11.14 -8.27 -0.52
N VAL A 52 -11.88 -9.05 0.28
CA VAL A 52 -12.58 -8.55 1.45
C VAL A 52 -12.39 -9.54 2.59
N MET A 53 -11.69 -9.13 3.63
CA MET A 53 -11.45 -10.01 4.78
C MET A 53 -12.36 -9.64 5.94
N PRO A 54 -13.00 -10.62 6.59
CA PRO A 54 -13.89 -10.31 7.72
C PRO A 54 -13.21 -10.40 9.08
N VAL A 55 -13.63 -9.56 10.03
CA VAL A 55 -13.13 -9.63 11.40
C VAL A 55 -14.29 -9.69 12.36
N VAL A 56 -14.05 -10.12 13.60
CA VAL A 56 -15.10 -10.38 14.58
C VAL A 56 -14.83 -9.59 15.85
N VAL A 57 -15.88 -8.93 16.37
CA VAL A 57 -15.79 -8.15 17.59
C VAL A 57 -17.00 -8.43 18.47
N VAL A 58 -16.99 -7.91 19.70
CA VAL A 58 -18.10 -8.13 20.62
C VAL A 58 -19.18 -7.08 20.41
N GLN A 59 -20.37 -7.35 20.96
CA GLN A 59 -21.50 -6.45 20.76
C GLN A 59 -21.29 -5.12 21.47
N SER A 60 -20.47 -5.12 22.54
CA SER A 60 -20.13 -3.91 23.26
C SER A 60 -18.88 -3.23 22.70
N ALA A 61 -18.32 -3.74 21.61
CA ALA A 61 -17.04 -3.26 21.12
C ALA A 61 -17.14 -1.83 20.63
N THR A 62 -16.11 -1.03 20.96
CA THR A 62 -15.97 0.31 20.43
C THR A 62 -15.06 0.27 19.21
N VAL A 63 -14.81 1.45 18.63
CA VAL A 63 -13.94 1.52 17.46
C VAL A 63 -12.54 1.02 17.82
N LEU A 64 -12.14 1.14 19.09
CA LEU A 64 -10.87 0.59 19.54
C LEU A 64 -10.80 -0.92 19.30
N ASP A 65 -11.86 -1.64 19.63
CA ASP A 65 -11.83 -3.09 19.49
C ASP A 65 -11.86 -3.52 18.03
N LEU A 66 -12.57 -2.79 17.17
CA LEU A 66 -12.45 -3.04 15.74
C LEU A 66 -11.05 -2.74 15.26
N LYS A 67 -10.42 -1.73 15.84
CA LYS A 67 -9.04 -1.38 15.50
C LYS A 67 -8.11 -2.54 15.82
N LYS A 68 -8.21 -3.10 17.02
CA LYS A 68 -7.37 -4.25 17.37
C LYS A 68 -7.80 -5.53 16.65
N ALA A 69 -9.06 -5.62 16.21
CA ALA A 69 -9.45 -6.76 15.40
C ALA A 69 -8.75 -6.74 14.05
N ILE A 70 -8.69 -5.56 13.41
CA ILE A 70 -7.86 -5.41 12.22
C ILE A 70 -6.41 -5.65 12.56
N GLN A 71 -5.99 -5.24 13.77
CA GLN A 71 -4.61 -5.45 14.21
C GLN A 71 -4.27 -6.93 14.19
N ARG A 72 -5.18 -7.74 14.74
CA ARG A 72 -4.96 -9.17 14.84
C ARG A 72 -5.05 -9.88 13.49
N TYR A 73 -6.09 -9.59 12.69
CA TYR A 73 -6.37 -10.42 11.52
C TYR A 73 -5.24 -10.44 10.51
N VAL A 74 -4.96 -9.29 9.89
CA VAL A 74 -4.07 -9.23 8.74
C VAL A 74 -2.66 -9.64 9.13
N GLN A 75 -2.29 -9.38 10.39
CA GLN A 75 -0.95 -9.74 10.85
C GLN A 75 -0.72 -11.24 10.78
N LEU A 76 -1.70 -12.04 11.19
CA LEU A 76 -1.59 -13.48 11.02
C LEU A 76 -1.58 -13.85 9.54
N LYS A 77 -2.50 -13.26 8.76
CA LYS A 77 -2.68 -13.59 7.36
C LYS A 77 -1.38 -13.37 6.59
N GLN A 78 -0.53 -12.47 7.09
CA GLN A 78 0.76 -12.22 6.47
C GLN A 78 1.56 -13.51 6.31
N GLU A 79 1.88 -14.19 7.42
CA GLU A 79 2.67 -15.41 7.30
C GLU A 79 1.80 -16.64 7.11
N ARG A 80 0.48 -16.49 7.16
CA ARG A 80 -0.38 -17.57 6.65
C ARG A 80 -0.12 -17.78 5.17
N GLU A 81 0.06 -16.70 4.42
CA GLU A 81 0.39 -16.76 3.00
C GLU A 81 1.88 -16.51 2.74
N GLY A 82 2.57 -15.81 3.64
CA GLY A 82 3.97 -15.51 3.43
C GLY A 82 4.27 -14.08 3.06
N GLY A 83 3.49 -13.14 3.60
CA GLY A 83 3.64 -11.74 3.23
C GLY A 83 4.71 -10.99 4.01
N ILE A 84 4.39 -9.77 4.40
CA ILE A 84 5.31 -8.86 5.08
C ILE A 84 4.86 -8.67 6.52
N GLN A 85 5.75 -8.94 7.47
CA GLN A 85 5.37 -8.95 8.87
C GLN A 85 5.48 -7.57 9.51
N HIS A 86 6.64 -6.94 9.41
CA HIS A 86 6.90 -5.65 10.07
C HIS A 86 6.13 -4.57 9.31
N ILE A 87 4.87 -4.37 9.71
CA ILE A 87 4.00 -3.44 9.02
C ILE A 87 3.68 -2.30 9.99
N SER A 88 4.03 -1.07 9.62
CA SER A 88 3.94 0.07 10.54
C SER A 88 2.59 0.76 10.48
N TRP A 89 1.73 0.56 11.47
CA TRP A 89 0.43 1.21 11.40
C TRP A 89 0.38 2.54 12.12
N SER A 90 1.50 3.04 12.63
CA SER A 90 1.55 4.46 12.95
C SER A 90 1.29 5.29 11.70
N TYR A 91 1.66 4.76 10.53
CA TYR A 91 1.22 5.34 9.26
C TYR A 91 -0.27 5.13 9.06
N VAL A 92 -0.70 3.87 9.01
CA VAL A 92 -1.97 3.52 8.38
C VAL A 92 -3.12 4.30 9.01
N TRP A 93 -3.16 4.37 10.33
CA TRP A 93 -4.25 5.05 10.99
C TRP A 93 -4.02 6.54 11.10
N ARG A 94 -2.79 6.99 10.85
CA ARG A 94 -2.53 8.43 10.75
C ARG A 94 -3.04 8.99 9.43
N THR A 95 -3.12 8.17 8.39
CA THR A 95 -3.52 8.66 7.08
C THR A 95 -4.92 8.17 6.70
N TYR A 96 -5.18 6.87 6.86
CA TYR A 96 -6.43 6.29 6.42
C TYR A 96 -7.41 6.15 7.59
N HIS A 97 -8.68 6.45 7.34
CA HIS A 97 -9.74 6.30 8.32
C HIS A 97 -10.55 5.02 8.06
N LEU A 98 -11.59 4.84 8.86
CA LEU A 98 -12.53 3.74 8.73
C LEU A 98 -13.89 4.32 8.38
N THR A 99 -14.57 3.71 7.42
CA THR A 99 -15.80 4.26 6.86
C THR A 99 -16.94 3.27 7.02
N SER A 100 -18.01 3.70 7.68
CA SER A 100 -19.23 2.92 7.65
C SER A 100 -19.90 3.03 6.28
N ALA A 101 -21.07 2.42 6.16
CA ALA A 101 -21.85 2.61 4.94
C ALA A 101 -22.39 4.02 4.93
N GLY A 102 -21.66 4.94 4.31
CA GLY A 102 -21.96 6.35 4.46
C GLY A 102 -20.93 7.04 5.33
N GLU A 103 -21.28 7.27 6.60
CA GLU A 103 -20.40 7.96 7.54
C GLU A 103 -19.03 7.29 7.63
N LYS A 104 -18.07 8.06 8.13
CA LYS A 104 -16.71 7.58 8.38
C LYS A 104 -16.50 7.52 9.89
N LEU A 105 -15.74 6.54 10.35
CA LEU A 105 -15.57 6.33 11.78
C LEU A 105 -14.48 7.26 12.31
N THR A 106 -14.87 8.25 13.10
CA THR A 106 -13.94 9.25 13.60
C THR A 106 -13.72 9.13 15.10
N GLU A 107 -14.78 9.15 15.90
CA GLU A 107 -14.63 9.02 17.34
C GLU A 107 -14.17 7.61 17.69
N ASP A 108 -12.92 7.48 18.13
CA ASP A 108 -12.32 6.16 18.31
C ASP A 108 -12.94 5.43 19.50
N ARG A 109 -13.35 6.16 20.53
CA ARG A 109 -13.95 5.57 21.73
C ARG A 109 -15.47 5.70 21.66
N LYS A 110 -16.08 5.06 20.67
CA LYS A 110 -17.53 4.98 20.60
C LYS A 110 -17.91 3.63 20.00
N LYS A 111 -18.89 2.98 20.61
CA LYS A 111 -19.23 1.61 20.23
C LYS A 111 -19.82 1.56 18.83
N LEU A 112 -19.56 0.45 18.14
CA LEU A 112 -19.96 0.29 16.74
C LEU A 112 -21.47 0.35 16.58
N ARG A 113 -22.21 0.07 17.66
CA ARG A 113 -23.66 0.13 17.59
C ARG A 113 -24.15 1.56 17.45
N ASP A 114 -23.46 2.53 18.07
CA ASP A 114 -23.84 3.93 17.91
C ASP A 114 -23.61 4.40 16.48
N TYR A 115 -22.49 3.98 15.88
CA TYR A 115 -22.23 4.25 14.47
C TYR A 115 -23.05 3.36 13.54
N GLY A 116 -23.77 2.38 14.07
CA GLY A 116 -24.72 1.62 13.28
C GLY A 116 -24.20 0.36 12.63
N ILE A 117 -22.92 0.02 12.80
CA ILE A 117 -22.43 -1.22 12.22
C ILE A 117 -23.03 -2.41 12.97
N ARG A 118 -23.31 -3.48 12.23
CA ARG A 118 -23.85 -4.69 12.80
C ARG A 118 -23.25 -5.88 12.07
N ASN A 119 -23.80 -7.06 12.33
CA ASN A 119 -23.27 -8.30 11.79
C ASN A 119 -23.35 -8.30 10.26
N ARG A 120 -22.30 -8.87 9.64
CA ARG A 120 -22.23 -9.05 8.18
C ARG A 120 -22.13 -7.73 7.42
N ASP A 121 -22.09 -6.61 8.14
CA ASP A 121 -21.93 -5.32 7.47
C ASP A 121 -20.47 -5.12 7.05
N GLU A 122 -20.24 -4.13 6.20
CA GLU A 122 -18.92 -3.90 5.62
C GLU A 122 -18.50 -2.45 5.84
N VAL A 123 -17.19 -2.24 5.93
CA VAL A 123 -16.62 -0.93 6.15
C VAL A 123 -15.43 -0.76 5.20
N SER A 124 -15.00 0.48 5.01
CA SER A 124 -13.97 0.77 4.02
C SER A 124 -13.04 1.86 4.56
N PHE A 125 -12.23 2.45 3.67
CA PHE A 125 -11.18 3.40 4.03
C PHE A 125 -11.26 4.65 3.16
N ILE A 126 -11.06 5.81 3.81
CA ILE A 126 -10.80 7.08 3.14
C ILE A 126 -9.43 7.59 3.55
N LYS A 127 -8.77 8.34 2.68
CA LYS A 127 -7.46 8.93 2.94
C LYS A 127 -7.52 10.09 3.94
N LYS A 128 -8.68 10.28 4.57
CA LYS A 128 -8.93 11.38 5.51
C LYS A 128 -8.95 12.72 4.80
N LEU A 129 -7.77 13.34 4.65
CA LEU A 129 -7.63 14.73 4.23
C LEU A 129 -8.71 15.60 4.85
N ARG A 130 -9.50 16.27 4.01
CA ARG A 130 -10.68 17.02 4.42
C ARG A 130 -10.41 17.89 5.66
N GLN A 131 -9.31 18.66 5.58
CA GLN A 131 -8.72 19.52 6.61
C GLN A 131 -7.42 18.85 7.08
N LYS A 132 -7.14 18.89 8.37
CA LYS A 132 -5.93 18.29 8.90
C LYS A 132 -6.09 17.95 10.38
N GLU B 10 23.30 9.98 -12.81
CA GLU B 10 24.01 9.96 -11.53
C GLU B 10 23.26 10.79 -10.50
N TYR B 11 22.42 10.11 -9.71
CA TYR B 11 21.58 10.80 -8.75
C TYR B 11 22.40 11.27 -7.55
N ASP B 12 22.06 12.45 -7.05
CA ASP B 12 22.66 13.02 -5.86
C ASP B 12 21.65 13.97 -5.23
N PRO B 13 21.11 13.64 -4.05
CA PRO B 13 20.01 14.43 -3.50
C PRO B 13 20.36 15.87 -3.21
N LEU B 14 21.65 16.20 -3.06
CA LEU B 14 22.01 17.58 -2.75
C LEU B 14 21.63 18.52 -3.87
N LYS B 15 21.89 18.15 -5.12
CA LYS B 15 21.58 19.04 -6.23
C LYS B 15 20.16 18.87 -6.73
N ALA B 16 19.37 18.00 -6.10
CA ALA B 16 17.99 17.80 -6.55
C ALA B 16 17.18 19.08 -6.42
N GLY B 17 17.37 19.82 -5.33
CA GLY B 17 16.72 21.11 -5.19
C GLY B 17 17.42 22.25 -5.89
N SER B 18 18.58 21.99 -6.49
CA SER B 18 19.36 23.01 -7.18
C SER B 18 18.76 23.30 -8.54
N ILE B 19 18.76 24.58 -8.92
CA ILE B 19 18.22 24.96 -10.23
C ILE B 19 19.09 24.41 -11.35
N ASP B 20 20.41 24.33 -11.13
CA ASP B 20 21.34 23.83 -12.14
C ASP B 20 22.45 22.98 -11.53
N GLY B 21 22.20 22.38 -10.36
CA GLY B 21 23.21 21.57 -9.72
C GLY B 21 24.30 22.32 -9.01
N THR B 22 24.14 23.64 -8.82
CA THR B 22 25.16 24.46 -8.18
C THR B 22 24.94 24.66 -6.69
N ASP B 23 23.84 24.14 -6.14
CA ASP B 23 23.58 24.31 -4.72
C ASP B 23 24.54 23.46 -3.90
N GLU B 24 24.90 23.98 -2.72
CA GLU B 24 25.78 23.27 -1.81
C GLU B 24 25.09 23.03 -0.48
N ASP B 25 24.07 23.80 -0.19
CA ASP B 25 23.26 23.65 1.01
C ASP B 25 21.88 23.14 0.66
N PRO B 26 21.36 22.18 1.44
CA PRO B 26 20.04 21.59 1.15
C PRO B 26 18.97 22.67 1.06
N HIS B 27 18.13 22.56 0.03
CA HIS B 27 17.05 23.54 -0.14
C HIS B 27 16.07 23.46 1.02
N ASP B 28 15.77 22.25 1.48
CA ASP B 28 14.86 22.07 2.61
C ASP B 28 15.32 20.90 3.48
N ARG B 29 14.53 20.56 4.50
CA ARG B 29 14.87 19.45 5.38
C ARG B 29 14.67 18.10 4.70
N ALA B 30 13.83 18.03 3.66
CA ALA B 30 13.57 16.79 2.94
C ALA B 30 14.78 16.32 2.14
N VAL B 31 15.75 17.19 1.90
CA VAL B 31 17.03 16.78 1.34
C VAL B 31 17.98 16.27 2.41
N TRP B 32 18.00 16.89 3.59
CA TRP B 32 18.72 16.33 4.73
C TRP B 32 18.25 14.90 4.99
N ARG B 33 16.93 14.71 5.08
CA ARG B 33 16.34 13.39 5.25
C ARG B 33 16.77 12.48 4.11
N ALA B 34 16.86 13.02 2.90
CA ALA B 34 17.17 12.23 1.72
C ALA B 34 18.57 11.64 1.79
N MET B 35 19.57 12.49 2.03
CA MET B 35 20.94 11.99 2.02
C MET B 35 21.34 11.27 3.29
N LEU B 36 20.82 11.68 4.44
CA LEU B 36 21.09 10.94 5.67
C LEU B 36 20.56 9.51 5.57
N ALA B 37 19.33 9.34 5.10
CA ALA B 37 18.74 8.01 5.03
C ALA B 37 19.37 7.18 3.92
N ARG B 38 19.44 5.86 4.12
CA ARG B 38 19.94 4.94 3.12
C ARG B 38 18.81 4.05 2.66
N TYR B 39 18.85 3.68 1.38
CA TYR B 39 17.77 2.92 0.77
C TYR B 39 18.31 1.67 0.09
N VAL B 40 17.59 0.56 0.28
CA VAL B 40 17.84 -0.70 -0.41
C VAL B 40 16.52 -1.12 -1.05
N PRO B 41 16.52 -1.57 -2.31
CA PRO B 41 15.26 -1.92 -2.96
C PRO B 41 14.46 -2.97 -2.21
N ASN B 42 13.14 -2.84 -2.24
CA ASN B 42 12.24 -3.68 -1.46
C ASN B 42 12.27 -5.13 -1.92
N LYS B 43 11.54 -6.00 -1.21
CA LYS B 43 11.41 -7.40 -1.57
C LYS B 43 10.55 -7.63 -2.80
N GLY B 44 9.60 -6.73 -3.07
CA GLY B 44 8.74 -6.91 -4.23
C GLY B 44 9.41 -6.54 -5.54
N VAL B 45 10.65 -6.05 -5.47
CA VAL B 45 11.39 -5.66 -6.66
C VAL B 45 12.00 -6.91 -7.28
N ILE B 46 11.26 -7.55 -8.19
CA ILE B 46 11.68 -8.78 -8.84
C ILE B 46 11.61 -8.57 -10.35
N GLY B 47 12.66 -8.97 -11.05
CA GLY B 47 12.70 -8.88 -12.49
C GLY B 47 13.92 -8.11 -12.94
N ASP B 48 14.07 -7.98 -14.25
CA ASP B 48 15.18 -7.23 -14.82
C ASP B 48 14.90 -5.74 -14.76
N PRO B 49 15.86 -4.93 -14.30
CA PRO B 49 15.63 -3.48 -14.21
C PRO B 49 15.72 -2.77 -15.54
N LEU B 50 16.58 -3.26 -16.43
CA LEU B 50 16.80 -2.61 -17.72
C LEU B 50 15.57 -2.73 -18.61
N LEU B 51 14.70 -3.70 -18.33
CA LEU B 51 13.53 -3.94 -19.15
C LEU B 51 12.23 -3.62 -18.40
N THR B 52 12.31 -2.86 -17.32
CA THR B 52 11.15 -2.50 -16.52
C THR B 52 10.80 -1.04 -16.77
N LEU B 53 9.53 -0.78 -17.03
CA LEU B 53 9.02 0.57 -17.26
C LEU B 53 8.26 1.07 -16.04
N PHE B 54 8.61 2.27 -15.60
CA PHE B 54 7.97 2.91 -14.46
C PHE B 54 6.94 3.91 -15.00
N VAL B 55 5.67 3.56 -14.86
CA VAL B 55 4.60 4.44 -15.31
C VAL B 55 3.88 5.01 -14.10
N ALA B 56 3.67 6.32 -14.10
CA ALA B 56 3.12 7.01 -12.94
C ALA B 56 1.99 7.95 -13.35
N ARG B 57 1.46 8.68 -12.36
CA ARG B 57 0.38 9.63 -12.55
C ARG B 57 -0.91 9.01 -13.06
N LEU B 58 -1.02 7.67 -13.00
CA LEU B 58 -2.24 7.01 -13.44
C LEU B 58 -3.38 7.30 -12.50
N ASN B 59 -4.61 7.26 -13.01
CA ASN B 59 -5.80 7.46 -12.18
C ASN B 59 -5.86 6.38 -11.11
N LEU B 60 -6.42 6.70 -9.95
CA LEU B 60 -6.48 5.74 -8.87
C LEU B 60 -7.48 4.61 -9.15
N GLN B 61 -8.32 4.75 -10.17
CA GLN B 61 -9.38 3.79 -10.45
C GLN B 61 -9.17 3.01 -11.73
N THR B 62 -7.96 2.98 -12.27
CA THR B 62 -7.68 2.13 -13.41
C THR B 62 -7.08 0.81 -12.93
N LYS B 63 -7.57 -0.28 -13.48
CA LYS B 63 -7.20 -1.62 -13.05
C LYS B 63 -6.02 -2.12 -13.87
N GLU B 64 -5.65 -3.38 -13.63
CA GLU B 64 -4.46 -3.95 -14.22
C GLU B 64 -4.64 -4.29 -15.69
N ASP B 65 -5.86 -4.63 -16.12
CA ASP B 65 -6.09 -5.00 -17.52
C ASP B 65 -6.05 -3.77 -18.43
N LYS B 66 -6.52 -2.63 -17.93
CA LYS B 66 -6.51 -1.39 -18.69
C LYS B 66 -5.09 -1.03 -19.06
N LEU B 67 -4.17 -1.11 -18.09
CA LEU B 67 -2.75 -0.95 -18.38
C LEU B 67 -2.20 -2.09 -19.22
N LYS B 68 -2.69 -3.31 -18.99
CA LYS B 68 -2.17 -4.47 -19.69
C LYS B 68 -2.33 -4.32 -21.20
N GLU B 69 -3.54 -4.01 -21.67
CA GLU B 69 -3.75 -3.85 -23.10
C GLU B 69 -3.00 -2.65 -23.67
N VAL B 70 -3.01 -1.53 -22.96
CA VAL B 70 -2.38 -0.31 -23.47
C VAL B 70 -0.88 -0.50 -23.63
N PHE B 71 -0.23 -1.16 -22.68
CA PHE B 71 1.22 -1.33 -22.75
C PHE B 71 1.64 -2.64 -23.39
N SER B 72 0.69 -3.53 -23.71
CA SER B 72 1.01 -4.64 -24.61
C SER B 72 0.77 -4.23 -26.06
N ARG B 73 0.15 -3.08 -26.27
CA ARG B 73 0.12 -2.45 -27.59
C ARG B 73 1.55 -2.23 -28.07
N TYR B 74 2.48 -2.08 -27.13
CA TYR B 74 3.83 -1.65 -27.44
C TYR B 74 4.81 -2.80 -27.61
N GLY B 75 4.40 -4.03 -27.33
CA GLY B 75 5.29 -5.17 -27.40
C GLY B 75 4.73 -6.30 -26.56
N ASP B 76 5.65 -7.13 -26.06
CA ASP B 76 5.29 -8.31 -25.26
C ASP B 76 5.60 -8.05 -23.79
N ILE B 77 4.62 -8.28 -22.94
CA ILE B 77 4.77 -8.12 -21.49
C ILE B 77 5.10 -9.47 -20.89
N ARG B 78 5.89 -9.45 -19.81
CA ARG B 78 6.13 -10.66 -19.02
C ARG B 78 5.48 -10.60 -17.65
N ARG B 79 5.34 -9.40 -17.08
CA ARG B 79 4.71 -9.23 -15.78
C ARG B 79 4.34 -7.77 -15.61
N LEU B 80 3.14 -7.52 -15.06
CA LEU B 80 2.67 -6.16 -14.81
C LEU B 80 2.14 -6.09 -13.39
N ARG B 81 2.69 -5.17 -12.61
CA ARG B 81 2.27 -4.93 -11.24
C ARG B 81 1.78 -3.49 -11.08
N LEU B 82 0.58 -3.36 -10.52
CA LEU B 82 0.01 -2.05 -10.17
C LEU B 82 0.12 -1.94 -8.65
N VAL B 83 1.05 -1.09 -8.20
CA VAL B 83 1.38 -0.97 -6.79
C VAL B 83 0.19 -0.39 -6.02
N ARG B 84 -0.34 -1.18 -5.09
CA ARG B 84 -1.43 -0.73 -4.24
C ARG B 84 -0.92 -0.55 -2.81
N ASP B 85 -1.78 -0.01 -1.94
CA ASP B 85 -1.47 0.17 -0.53
C ASP B 85 -1.80 -1.14 0.17
N LEU B 86 -0.76 -1.82 0.67
CA LEU B 86 -0.94 -3.15 1.23
C LEU B 86 -1.46 -3.04 2.66
N VAL B 87 -2.78 -2.91 2.78
CA VAL B 87 -3.55 -2.90 4.02
C VAL B 87 -4.93 -2.35 3.69
N THR B 88 -4.99 -1.50 2.65
CA THR B 88 -6.22 -0.81 2.30
C THR B 88 -6.63 -0.93 0.85
N GLY B 89 -5.74 -1.36 -0.05
CA GLY B 89 -6.11 -1.60 -1.43
C GLY B 89 -5.88 -0.43 -2.37
N PHE B 90 -5.88 0.80 -1.83
CA PHE B 90 -5.69 2.00 -2.62
C PHE B 90 -4.52 1.88 -3.58
N SER B 91 -4.77 2.08 -4.87
CA SER B 91 -3.69 2.14 -5.85
C SER B 91 -2.79 3.32 -5.54
N LYS B 92 -1.48 3.12 -5.55
CA LYS B 92 -0.53 4.20 -5.28
C LYS B 92 -0.23 5.01 -6.54
N GLY B 93 -0.97 4.77 -7.61
CA GLY B 93 -0.86 5.57 -8.82
C GLY B 93 0.47 5.43 -9.54
N TYR B 94 1.07 4.25 -9.50
CA TYR B 94 2.19 3.95 -10.38
C TYR B 94 2.28 2.44 -10.53
N ALA B 95 2.93 2.02 -11.61
CA ALA B 95 2.97 0.60 -11.95
C ALA B 95 4.22 0.24 -12.71
N PHE B 96 4.87 -0.86 -12.36
CA PHE B 96 6.05 -1.30 -13.05
C PHE B 96 5.71 -2.41 -14.05
N ILE B 97 6.13 -2.22 -15.30
CA ILE B 97 5.82 -3.14 -16.38
C ILE B 97 7.13 -3.61 -16.99
N GLU B 98 7.28 -4.92 -17.12
CA GLU B 98 8.47 -5.51 -17.75
C GLU B 98 8.18 -5.88 -19.19
N TYR B 99 9.24 -5.86 -19.99
CA TYR B 99 9.14 -6.07 -21.44
C TYR B 99 10.22 -7.06 -21.85
N LYS B 100 9.83 -8.17 -22.47
CA LYS B 100 10.80 -9.01 -23.15
C LYS B 100 11.35 -8.29 -24.37
N GLU B 101 12.67 -8.38 -24.55
CA GLU B 101 13.38 -7.80 -25.69
C GLU B 101 13.41 -6.27 -25.59
N GLU B 102 14.52 -5.67 -26.02
CA GLU B 102 14.78 -4.24 -25.85
C GLU B 102 13.77 -3.37 -26.60
N ARG B 103 13.28 -3.84 -27.74
CA ARG B 103 12.36 -3.11 -28.61
C ARG B 103 11.26 -2.35 -27.85
N ALA B 104 10.51 -3.08 -27.04
CA ALA B 104 9.26 -2.56 -26.48
C ALA B 104 9.51 -1.42 -25.51
N VAL B 105 10.45 -1.59 -24.58
CA VAL B 105 10.69 -0.62 -23.53
C VAL B 105 11.21 0.67 -24.16
N ILE B 106 12.07 0.55 -25.17
CA ILE B 106 12.64 1.73 -25.79
C ILE B 106 11.55 2.48 -26.57
N LYS B 107 10.72 1.75 -27.32
CA LYS B 107 9.64 2.40 -28.07
C LYS B 107 8.67 3.11 -27.12
N ALA B 108 8.33 2.44 -26.02
CA ALA B 108 7.46 2.94 -24.98
C ALA B 108 8.18 3.79 -23.98
N TYR B 109 9.34 4.34 -24.38
CA TYR B 109 9.94 5.46 -23.69
C TYR B 109 9.81 6.74 -24.50
N ARG B 110 9.95 6.66 -25.83
CA ARG B 110 9.86 7.82 -26.69
C ARG B 110 8.39 8.11 -26.90
N ASP B 111 7.61 7.19 -27.44
CA ASP B 111 6.22 7.52 -27.72
C ASP B 111 5.32 7.12 -26.55
N ALA B 112 5.64 7.61 -25.35
CA ALA B 112 4.98 7.12 -24.17
C ALA B 112 4.34 8.22 -23.32
N ASP B 113 4.98 9.38 -23.26
CA ASP B 113 4.40 10.47 -22.50
C ASP B 113 3.36 11.20 -23.35
N GLY B 114 2.14 11.26 -22.83
CA GLY B 114 1.04 11.85 -23.58
C GLY B 114 0.16 10.82 -24.24
N LEU B 115 -0.15 9.75 -23.51
CA LEU B 115 -1.08 8.74 -23.99
C LEU B 115 -2.19 8.54 -22.97
N VAL B 116 -2.83 9.65 -22.58
CA VAL B 116 -3.79 9.71 -21.49
C VAL B 116 -4.71 8.50 -21.49
N ILE B 117 -4.82 7.85 -20.33
CA ILE B 117 -5.53 6.57 -20.20
C ILE B 117 -6.90 6.77 -19.58
N ASP B 118 -7.02 7.66 -18.60
CA ASP B 118 -8.27 8.02 -17.95
C ASP B 118 -8.27 9.54 -17.88
N GLN B 119 -9.08 10.13 -17.01
CA GLN B 119 -9.02 11.58 -16.88
C GLN B 119 -7.81 11.97 -16.04
N HIS B 120 -6.64 11.44 -16.41
CA HIS B 120 -5.34 11.70 -15.79
C HIS B 120 -4.29 11.34 -16.85
N GLU B 121 -3.32 12.22 -17.02
CA GLU B 121 -2.26 12.03 -18.00
C GLU B 121 -1.10 11.33 -17.33
N ILE B 122 -0.57 10.27 -17.97
CA ILE B 122 0.43 9.44 -17.32
C ILE B 122 1.83 9.97 -17.61
N PHE B 123 2.79 9.49 -16.82
CA PHE B 123 4.20 9.77 -17.00
C PHE B 123 4.95 8.45 -17.16
N VAL B 124 5.95 8.45 -18.03
CA VAL B 124 6.70 7.22 -18.33
C VAL B 124 8.19 7.45 -18.21
N ASP B 125 8.88 6.55 -17.53
CA ASP B 125 10.33 6.51 -17.45
C ASP B 125 10.79 5.09 -17.14
N TYR B 126 12.08 4.84 -17.34
CA TYR B 126 12.64 3.58 -16.89
C TYR B 126 12.63 3.54 -15.37
N GLU B 127 12.71 2.35 -14.80
CA GLU B 127 12.92 2.20 -13.36
C GLU B 127 14.39 2.41 -13.10
N LEU B 128 14.72 3.26 -12.13
CA LEU B 128 16.10 3.60 -11.83
C LEU B 128 16.66 2.72 -10.72
N GLU B 129 16.06 2.79 -9.53
CA GLU B 129 16.33 1.94 -8.37
C GLU B 129 17.68 1.24 -8.37
N ARG B 130 17.83 0.26 -9.27
CA ARG B 130 19.03 -0.57 -9.34
C ARG B 130 19.95 -0.17 -10.50
N THR B 131 19.70 0.97 -11.12
CA THR B 131 20.51 1.39 -12.25
C THR B 131 21.03 2.82 -12.07
N LEU B 132 20.40 3.57 -11.18
CA LEU B 132 20.82 4.94 -10.87
C LEU B 132 21.42 4.95 -9.48
N LYS B 133 22.73 5.18 -9.40
CA LYS B 133 23.43 5.16 -8.13
C LYS B 133 22.93 6.30 -7.24
N GLY B 134 22.63 5.97 -6.00
CA GLY B 134 22.22 6.96 -5.02
C GLY B 134 20.75 7.31 -5.03
N TRP B 135 19.94 6.65 -5.87
CA TRP B 135 18.52 6.97 -5.94
C TRP B 135 17.84 6.79 -4.60
N ILE B 136 17.24 7.86 -4.10
CA ILE B 136 16.42 7.84 -2.90
C ILE B 136 14.99 8.18 -3.30
N PRO B 137 14.07 7.23 -3.20
CA PRO B 137 12.66 7.53 -3.53
C PRO B 137 12.08 8.59 -2.60
N ARG B 138 11.12 9.34 -3.11
CA ARG B 138 10.58 10.51 -2.43
C ARG B 138 9.90 10.17 -1.10
N ARG B 139 9.56 8.91 -0.86
CA ARG B 139 9.03 8.54 0.45
C ARG B 139 10.06 8.76 1.55
N LEU B 140 11.32 8.40 1.31
CA LEU B 140 12.39 8.72 2.25
C LEU B 140 13.05 10.04 1.87
N GLY B 141 12.26 11.08 1.65
CA GLY B 141 12.81 12.35 1.21
C GLY B 141 13.42 12.27 -0.18
N GLY B 142 13.77 13.42 -0.74
CA GLY B 142 14.38 13.46 -2.05
C GLY B 142 13.45 12.98 -3.14
N GLY B 143 14.03 12.23 -4.07
CA GLY B 143 13.26 11.71 -5.19
C GLY B 143 13.47 12.51 -6.46
N LEU B 144 12.48 12.52 -7.35
CA LEU B 144 12.57 13.26 -8.60
C LEU B 144 11.23 13.94 -8.86
N GLY B 145 11.22 14.81 -9.87
CA GLY B 145 10.01 15.50 -10.24
C GLY B 145 9.50 16.40 -9.12
N GLY B 146 8.19 16.48 -9.02
CA GLY B 146 7.56 17.24 -7.97
C GLY B 146 6.74 18.41 -8.49
N LYS B 147 5.65 18.73 -7.81
CA LYS B 147 4.86 19.90 -8.14
C LYS B 147 5.44 21.10 -7.38
N LYS B 148 5.77 22.17 -8.11
CA LYS B 148 6.47 23.30 -7.51
C LYS B 148 5.48 24.21 -6.78
N GLU B 149 4.57 23.58 -6.03
CA GLU B 149 3.60 24.32 -5.25
C GLU B 149 3.60 23.94 -3.77
N SER B 150 3.86 22.68 -3.43
CA SER B 150 4.02 22.30 -2.03
C SER B 150 5.23 22.98 -1.42
N GLY B 151 6.33 23.04 -2.17
CA GLY B 151 7.55 23.64 -1.68
C GLY B 151 8.75 22.74 -1.88
N GLN B 152 8.50 21.46 -2.14
CA GLN B 152 9.55 20.47 -2.31
C GLN B 152 9.44 19.89 -3.72
N LEU B 153 10.39 20.26 -4.57
CA LEU B 153 10.52 19.62 -5.87
C LEU B 153 11.96 19.19 -6.07
N ARG B 154 12.18 18.26 -7.01
CA ARG B 154 13.51 17.77 -7.27
C ARG B 154 13.76 17.80 -8.77
N PHE B 155 14.66 18.68 -9.20
CA PHE B 155 15.03 18.77 -10.61
C PHE B 155 15.92 17.60 -11.00
N GLY B 156 16.42 17.65 -12.23
CA GLY B 156 17.38 16.69 -12.74
C GLY B 156 16.78 15.49 -13.43
N GLY B 157 15.45 15.35 -13.43
CA GLY B 157 14.84 14.18 -14.03
C GLY B 157 14.36 14.40 -15.44
N ARG B 158 13.12 13.97 -15.72
CA ARG B 158 12.51 14.14 -17.03
C ARG B 158 11.39 15.16 -17.06
N ASP B 159 10.53 15.18 -16.04
CA ASP B 159 9.45 16.16 -15.99
C ASP B 159 10.00 17.57 -15.82
N ARG B 160 10.96 17.74 -14.90
CA ARG B 160 11.58 19.04 -14.63
C ARG B 160 13.09 18.92 -14.74
N PRO B 161 13.67 19.15 -15.92
CA PRO B 161 15.13 19.07 -16.04
C PRO B 161 15.84 20.25 -15.39
N PHE B 162 17.17 20.23 -15.39
CA PHE B 162 17.96 21.28 -14.76
C PHE B 162 17.92 22.54 -15.62
N ARG B 163 17.55 23.66 -15.01
CA ARG B 163 17.56 24.96 -15.68
C ARG B 163 18.97 25.51 -15.53
N LYS B 164 19.73 25.50 -16.62
CA LYS B 164 21.10 26.01 -16.57
C LYS B 164 21.11 27.52 -16.34
#